data_6C6C
#
_entry.id   6C6C
#
_cell.length_a   41.525
_cell.length_b   98.339
_cell.length_c   55.310
_cell.angle_alpha   90.000
_cell.angle_beta   106.250
_cell.angle_gamma   90.000
#
_symmetry.space_group_name_H-M   'P 1 21 1'
#
loop_
_entity.id
_entity.type
_entity.pdbx_description
1 polymer 'Antigen-presenting glycoprotein CD1d1'
2 polymer Beta-2-microglobulin
3 branched alpha-D-mannopyranose-(1-3)-[alpha-D-mannopyranose-(1-6)]beta-D-mannopyranose-(1-4)-2-acetamido-2-deoxy-beta-D-glucopyranose-(1-4)-[alpha-L-fucopyranose-(1-6)]2-acetamido-2-deoxy-beta-D-glucopyranose
4 non-polymer 2-acetamido-2-deoxy-beta-D-glucopyranose
5 non-polymer N-[(2S,3S,4R)-3,4-dihydroxy-8-oxo-8-[(6-phenylhexyl)amino]-1-{[(2S,3R,4S,5R,6R)-3,4,5-trihydroxy-6-(hydroxymethyl)tetrahydro-2H-pyran-2-yl]oxy}octan-2-yl]icosanamide
6 non-polymer 'SODIUM ION'
7 water water
#
loop_
_entity_poly.entity_id
_entity_poly.type
_entity_poly.pdbx_seq_one_letter_code
_entity_poly.pdbx_strand_id
1 'polypeptide(L)'
;SEAQQKNYTFRCLQMSSFANRSWSRTDSVVWLGDLQTHRWSNDSATISFTKPWSQGKLSNQQWEKLQHMFQVYRVSFTRD
IQELVKMMSPKEDYPIEIQLSAGCEMYPGNASESFLHVAFQGKYVVRFWGTSWQTVPGAPSWLDLPIKVLNADQGTSATV
QMLLNDTCPLFVRGLLEAGKSDLEKQEKPVAWLSSVPSSAHGHRQLVCHVSGFYPKPVWVMWMRGDQEQQGTHRGDFLPN
ADETWYLQATLDVEAGEEAGLACRVKHSSLGGQDIILYWHHHHHH
;
A
2 'polypeptide(L)'
;IQKTPQIQVYSRHPPENGKPNILNCYVTQFHPPHIEIQMLKNGKKIPKVEMSDMSFSKDWSFYILAHTEFTPTETDTYAC
RVKHASMAEPKTVYWDRDM
;
B
#
# COMPACT_ATOMS: atom_id res chain seq x y z
N ASN A 7 9.75 16.18 -3.01
CA ASN A 7 8.30 15.94 -3.35
C ASN A 7 7.74 14.73 -2.59
N TYR A 8 7.38 14.97 -1.33
CA TYR A 8 6.79 13.94 -0.47
C TYR A 8 5.29 14.17 -0.30
N THR A 9 4.52 13.10 -0.46
CA THR A 9 3.10 13.11 -0.19
C THR A 9 2.83 12.41 1.13
N PHE A 10 2.16 13.13 2.02
CA PHE A 10 1.68 12.60 3.28
C PHE A 10 0.22 12.19 3.08
N ARG A 11 -0.10 10.92 3.38
CA ARG A 11 -1.46 10.36 3.24
C ARG A 11 -1.95 9.66 4.49
N CYS A 12 -3.08 10.11 5.04
CA CYS A 12 -3.81 9.41 6.07
C CYS A 12 -4.94 8.66 5.36
N LEU A 13 -4.95 7.34 5.49
CA LEU A 13 -5.91 6.48 4.79
C LEU A 13 -6.81 5.81 5.82
N GLN A 14 -8.10 6.13 5.78
CA GLN A 14 -9.08 5.57 6.72
C GLN A 14 -9.98 4.63 5.95
N MET A 15 -10.23 3.45 6.55
CA MET A 15 -11.08 2.44 5.96
C MET A 15 -12.14 2.05 7.00
N SER A 16 -13.41 2.22 6.64
CA SER A 16 -14.52 1.92 7.52
C SER A 16 -15.46 0.97 6.81
N SER A 17 -15.65 -0.21 7.41
CA SER A 17 -16.60 -1.20 6.93
C SER A 17 -17.77 -1.20 7.88
N PHE A 18 -18.96 -1.04 7.34
CA PHE A 18 -20.21 -1.17 8.09
C PHE A 18 -20.94 -2.40 7.56
N ALA A 19 -21.02 -3.45 8.35
CA ALA A 19 -21.60 -4.73 7.90
C ALA A 19 -23.12 -4.82 8.10
N ASN A 20 -23.58 -4.33 9.24
CA ASN A 20 -25.02 -4.27 9.59
C ASN A 20 -25.16 -3.19 10.66
N ARG A 21 -26.37 -2.95 11.17
CA ARG A 21 -26.56 -1.91 12.20
C ARG A 21 -25.79 -2.14 13.52
N SER A 22 -25.34 -3.37 13.77
CA SER A 22 -24.62 -3.70 15.01
C SER A 22 -23.11 -3.89 14.84
N TRP A 23 -22.61 -3.95 13.61
CA TRP A 23 -21.18 -4.23 13.36
C TRP A 23 -20.54 -3.20 12.44
N SER A 24 -19.47 -2.57 12.92
CA SER A 24 -18.59 -1.81 12.06
C SER A 24 -17.21 -1.68 12.65
N ARG A 25 -16.24 -1.34 11.80
CA ARG A 25 -14.93 -0.96 12.28
C ARG A 25 -14.30 0.09 11.37
N THR A 26 -13.40 0.85 11.96
CA THR A 26 -12.63 1.83 11.26
C THR A 26 -11.16 1.63 11.59
N ASP A 27 -10.34 1.49 10.56
CA ASP A 27 -8.90 1.33 10.71
C ASP A 27 -8.22 2.33 9.81
N SER A 28 -7.10 2.86 10.27
CA SER A 28 -6.33 3.85 9.53
C SER A 28 -4.85 3.49 9.47
N VAL A 29 -4.21 3.96 8.41
CA VAL A 29 -2.76 3.88 8.24
C VAL A 29 -2.32 5.22 7.69
N VAL A 30 -1.07 5.58 7.98
CA VAL A 30 -0.55 6.85 7.54
C VAL A 30 0.78 6.61 6.90
N TRP A 31 0.99 7.25 5.76
CA TRP A 31 2.19 7.11 4.93
C TRP A 31 2.84 8.47 4.74
N LEU A 32 4.16 8.52 4.92
CA LEU A 32 4.94 9.64 4.40
C LEU A 32 5.74 9.06 3.25
N GLY A 33 5.36 9.45 2.03
CA GLY A 33 5.88 8.82 0.82
C GLY A 33 5.49 7.36 0.81
N ASP A 34 6.49 6.50 0.74
CA ASP A 34 6.27 5.03 0.75
C ASP A 34 6.62 4.37 2.10
N LEU A 35 6.84 5.18 3.15
CA LEU A 35 7.09 4.65 4.49
C LEU A 35 5.89 4.90 5.39
N GLN A 36 5.44 3.84 6.06
CA GLN A 36 4.35 3.91 6.98
C GLN A 36 4.81 4.57 8.26
N THR A 37 4.14 5.61 8.64
CA THR A 37 4.48 6.34 9.81
C THR A 37 3.59 6.04 11.00
N HIS A 38 2.31 5.72 10.76
CA HIS A 38 1.34 5.41 11.80
C HIS A 38 0.35 4.33 11.43
N ARG A 39 -0.28 3.81 12.46
CA ARG A 39 -1.33 2.83 12.35
C ARG A 39 -2.35 3.13 13.44
N TRP A 40 -3.63 3.03 13.11
CA TRP A 40 -4.68 3.23 14.08
C TRP A 40 -5.74 2.19 13.88
N SER A 41 -5.66 1.16 14.69
CA SER A 41 -6.58 0.08 14.60
C SER A 41 -7.88 0.36 15.29
N ASN A 42 -8.95 -0.21 14.80
CA ASN A 42 -10.21 -0.11 15.49
C ASN A 42 -10.06 -0.52 16.95
N ASP A 43 -9.26 -1.57 17.19
CA ASP A 43 -8.96 -2.09 18.53
C ASP A 43 -8.41 -1.05 19.49
N SER A 44 -7.63 -0.10 18.98
CA SER A 44 -6.88 0.82 19.83
C SER A 44 -7.52 2.21 20.00
N ALA A 45 -7.51 2.68 21.24
CA ALA A 45 -7.92 4.06 21.55
C ALA A 45 -6.88 5.06 21.07
N THR A 46 -5.61 4.65 21.01
CA THR A 46 -4.52 5.53 20.64
C THR A 46 -3.92 5.20 19.27
N ILE A 47 -3.36 6.22 18.63
CA ILE A 47 -2.69 6.10 17.37
C ILE A 47 -1.27 5.57 17.63
N SER A 48 -0.97 4.42 17.02
CA SER A 48 0.33 3.75 17.16
C SER A 48 1.35 4.34 16.20
N PHE A 49 2.57 4.46 16.68
CA PHE A 49 3.72 4.89 15.92
C PHE A 49 4.36 3.67 15.30
N THR A 50 4.64 3.76 14.01
CA THR A 50 5.39 2.73 13.29
C THR A 50 6.80 3.21 13.00
N LYS A 51 7.17 4.40 13.50
CA LYS A 51 8.55 4.87 13.49
C LYS A 51 8.87 5.52 14.83
N PRO A 52 10.17 5.58 15.22
CA PRO A 52 10.55 6.34 16.44
C PRO A 52 10.34 7.86 16.33
N TRP A 53 10.26 8.38 15.10
CA TRP A 53 9.98 9.79 14.80
C TRP A 53 8.50 10.09 14.39
N SER A 54 7.57 9.18 14.68
CA SER A 54 6.19 9.35 14.22
C SER A 54 5.43 10.53 14.89
N GLN A 55 5.96 11.05 15.99
CA GLN A 55 5.41 12.26 16.61
C GLN A 55 5.85 13.56 15.96
N GLY A 56 6.78 13.50 15.00
CA GLY A 56 7.28 14.69 14.33
C GLY A 56 7.99 15.61 15.33
N LYS A 57 7.64 16.90 15.27
CA LYS A 57 8.14 17.92 16.21
C LYS A 57 7.10 18.27 17.29
N LEU A 58 5.98 17.54 17.33
CA LEU A 58 4.94 17.86 18.27
C LEU A 58 5.31 17.44 19.68
N SER A 59 5.01 18.34 20.62
CA SER A 59 5.17 18.06 22.04
C SER A 59 4.19 17.00 22.44
N ASN A 60 4.44 16.41 23.60
CA ASN A 60 3.58 15.35 24.10
C ASN A 60 2.14 15.80 24.26
N GLN A 61 1.94 17.03 24.73
CA GLN A 61 0.60 17.58 24.92
C GLN A 61 -0.09 17.95 23.59
N GLN A 62 0.65 18.55 22.68
CA GLN A 62 0.16 18.85 21.33
C GLN A 62 -0.26 17.57 20.61
N TRP A 63 0.59 16.55 20.65
CA TRP A 63 0.24 15.26 20.10
C TRP A 63 -1.06 14.73 20.71
N GLU A 64 -1.16 14.79 22.04
CA GLU A 64 -2.35 14.30 22.78
C GLU A 64 -3.64 15.02 22.40
N LYS A 65 -3.52 16.32 22.07
CA LYS A 65 -4.67 17.14 21.63
C LYS A 65 -5.15 16.69 20.26
N LEU A 66 -4.20 16.59 19.35
CA LEU A 66 -4.49 16.13 18.01
C LEU A 66 -5.12 14.74 18.03
N GLN A 67 -4.52 13.84 18.81
CA GLN A 67 -5.08 12.49 18.97
C GLN A 67 -6.50 12.53 19.54
N HIS A 68 -6.73 13.37 20.54
CA HIS A 68 -8.04 13.46 21.14
C HIS A 68 -9.13 13.88 20.14
N MET A 69 -8.82 14.87 19.31
CA MET A 69 -9.72 15.31 18.26
C MET A 69 -10.04 14.16 17.30
N PHE A 70 -9.02 13.44 16.84
CA PHE A 70 -9.26 12.26 16.00
C PHE A 70 -10.07 11.21 16.73
N GLN A 71 -9.85 11.05 18.04
CA GLN A 71 -10.67 10.12 18.84
C GLN A 71 -12.13 10.53 18.76
N VAL A 72 -12.41 11.80 19.00
CA VAL A 72 -13.79 12.33 18.96
C VAL A 72 -14.38 12.18 17.56
N TYR A 73 -13.60 12.56 16.56
CA TYR A 73 -13.97 12.37 15.16
C TYR A 73 -14.42 10.95 14.84
N ARG A 74 -13.61 9.98 15.24
CA ARG A 74 -13.86 8.57 14.87
C ARG A 74 -15.21 8.10 15.42
N VAL A 75 -15.51 8.46 16.68
CA VAL A 75 -16.81 8.14 17.28
C VAL A 75 -17.92 8.88 16.52
N SER A 76 -17.75 10.17 16.26
CA SER A 76 -18.77 10.97 15.57
C SER A 76 -19.07 10.46 14.16
N PHE A 77 -18.01 10.16 13.43
CA PHE A 77 -18.13 9.62 12.08
C PHE A 77 -18.97 8.34 12.04
N THR A 78 -18.64 7.39 12.90
CA THR A 78 -19.35 6.11 13.02
C THR A 78 -20.84 6.33 13.34
N ARG A 79 -21.10 7.17 14.34
CA ARG A 79 -22.48 7.55 14.70
C ARG A 79 -23.21 8.18 13.50
N ASP A 80 -22.58 9.17 12.88
CA ASP A 80 -23.19 9.86 11.73
C ASP A 80 -23.53 8.92 10.59
N ILE A 81 -22.62 8.00 10.25
CA ILE A 81 -22.89 7.07 9.17
C ILE A 81 -24.05 6.15 9.52
N GLN A 82 -24.05 5.57 10.72
CA GLN A 82 -25.15 4.71 11.16
C GLN A 82 -26.50 5.44 11.13
N GLU A 83 -26.52 6.67 11.64
CA GLU A 83 -27.76 7.44 11.67
C GLU A 83 -28.23 7.79 10.24
N LEU A 84 -27.29 8.10 9.35
CA LEU A 84 -27.61 8.36 7.94
C LEU A 84 -28.27 7.14 7.27
N VAL A 85 -27.78 5.95 7.59
CA VAL A 85 -28.31 4.71 6.99
C VAL A 85 -29.72 4.42 7.50
N LYS A 86 -29.96 4.65 8.78
CA LYS A 86 -31.32 4.54 9.34
C LYS A 86 -32.27 5.46 8.61
N MET A 87 -31.86 6.72 8.44
CA MET A 87 -32.63 7.73 7.75
C MET A 87 -32.95 7.33 6.30
N MET A 88 -31.96 6.82 5.57
CA MET A 88 -32.14 6.46 4.15
C MET A 88 -32.83 5.11 3.94
N SER A 89 -32.97 4.30 4.99
CA SER A 89 -33.43 2.92 4.88
C SER A 89 -34.83 2.80 4.25
N PRO A 90 -35.08 1.83 3.36
CA PRO A 90 -34.13 0.77 2.97
C PRO A 90 -33.34 1.09 1.68
N LYS A 91 -33.32 2.35 1.26
CA LYS A 91 -32.81 2.71 -0.07
C LYS A 91 -31.31 2.50 -0.14
N GLU A 92 -30.60 2.86 0.93
CA GLU A 92 -29.17 2.57 1.08
C GLU A 92 -28.98 1.54 2.18
N ASP A 93 -28.56 0.34 1.77
CA ASP A 93 -28.53 -0.82 2.65
C ASP A 93 -27.09 -1.22 2.96
N TYR A 94 -26.88 -1.77 4.15
CA TYR A 94 -25.62 -2.43 4.50
C TYR A 94 -25.39 -3.61 3.53
N PRO A 95 -24.14 -4.04 3.28
CA PRO A 95 -22.92 -3.49 3.87
C PRO A 95 -22.40 -2.26 3.12
N ILE A 96 -21.61 -1.47 3.82
CA ILE A 96 -21.11 -0.22 3.30
C ILE A 96 -19.61 -0.16 3.58
N GLU A 97 -18.85 0.26 2.57
CA GLU A 97 -17.44 0.54 2.76
C GLU A 97 -17.22 2.01 2.48
N ILE A 98 -16.67 2.74 3.45
CA ILE A 98 -16.25 4.13 3.24
C ILE A 98 -14.74 4.24 3.41
N GLN A 99 -14.12 4.96 2.49
CA GLN A 99 -12.67 5.23 2.54
C GLN A 99 -12.40 6.72 2.48
N LEU A 100 -11.49 7.19 3.32
CA LEU A 100 -11.04 8.59 3.27
C LEU A 100 -9.54 8.63 2.98
N SER A 101 -9.12 9.52 2.09
CA SER A 101 -7.73 9.77 1.83
C SER A 101 -7.50 11.25 2.02
N ALA A 102 -6.68 11.60 3.01
CA ALA A 102 -6.46 12.98 3.40
C ALA A 102 -5.00 13.26 3.78
N GLY A 103 -4.53 14.47 3.48
CA GLY A 103 -3.16 14.84 3.76
C GLY A 103 -2.67 15.96 2.85
N CYS A 104 -1.37 15.99 2.63
CA CYS A 104 -0.76 17.09 1.90
C CYS A 104 0.49 16.65 1.14
N GLU A 105 0.70 17.28 -0.02
CA GLU A 105 1.86 17.08 -0.86
C GLU A 105 2.81 18.27 -0.69
N MET A 106 4.02 18.00 -0.19
CA MET A 106 4.99 19.06 0.13
C MET A 106 5.89 19.42 -1.06
N TYR A 107 5.99 20.71 -1.35
CA TYR A 107 6.88 21.25 -2.40
C TYR A 107 7.92 22.20 -1.75
N PRO A 108 9.00 22.56 -2.48
CA PRO A 108 10.04 23.46 -1.93
C PRO A 108 9.54 24.73 -1.19
N SER A 112 3.00 23.77 -0.32
CA SER A 112 2.16 22.58 -0.21
C SER A 112 0.71 22.76 -0.68
N GLU A 113 0.12 21.65 -1.10
CA GLU A 113 -1.32 21.54 -1.37
C GLU A 113 -1.90 20.38 -0.58
N SER A 114 -3.15 20.52 -0.17
CA SER A 114 -3.82 19.49 0.63
C SER A 114 -5.06 18.95 -0.06
N PHE A 115 -5.50 17.78 0.41
CA PHE A 115 -6.61 17.07 -0.22
C PHE A 115 -7.36 16.30 0.85
N LEU A 116 -8.64 16.11 0.63
CA LEU A 116 -9.48 15.25 1.44
C LEU A 116 -10.52 14.63 0.49
N HIS A 117 -10.32 13.36 0.14
CA HIS A 117 -11.17 12.62 -0.79
C HIS A 117 -11.84 11.45 -0.07
N VAL A 118 -13.12 11.25 -0.39
CA VAL A 118 -13.91 10.21 0.22
C VAL A 118 -14.52 9.37 -0.88
N ALA A 119 -14.52 8.04 -0.66
CA ALA A 119 -15.14 7.09 -1.55
C ALA A 119 -16.15 6.23 -0.81
N PHE A 120 -17.21 5.86 -1.53
CA PHE A 120 -18.32 5.04 -1.04
C PHE A 120 -18.40 3.83 -1.98
N GLN A 121 -18.42 2.62 -1.43
CA GLN A 121 -18.41 1.39 -2.23
C GLN A 121 -17.34 1.35 -3.33
N GLY A 122 -16.19 1.95 -3.05
CA GLY A 122 -15.03 1.91 -3.92
C GLY A 122 -14.96 3.01 -4.93
N LYS A 123 -15.90 3.96 -4.88
CA LYS A 123 -15.97 5.04 -5.84
C LYS A 123 -15.86 6.39 -5.14
N TYR A 124 -15.00 7.24 -5.67
CA TYR A 124 -14.83 8.63 -5.26
C TYR A 124 -16.14 9.42 -5.40
N VAL A 125 -16.60 9.99 -4.29
CA VAL A 125 -17.88 10.70 -4.25
C VAL A 125 -17.87 12.10 -3.65
N VAL A 126 -16.98 12.35 -2.67
CA VAL A 126 -16.97 13.60 -1.93
C VAL A 126 -15.53 14.07 -1.72
N ARG A 127 -15.34 15.39 -1.74
CA ARG A 127 -14.12 16.00 -1.28
C ARG A 127 -14.41 17.20 -0.39
N PHE A 128 -13.41 17.59 0.40
CA PHE A 128 -13.38 18.91 1.00
C PHE A 128 -12.45 19.78 0.13
N TRP A 129 -12.90 20.97 -0.22
CA TRP A 129 -12.16 21.86 -1.12
C TRP A 129 -12.55 23.30 -0.79
N GLY A 130 -11.56 24.15 -0.53
CA GLY A 130 -11.81 25.53 -0.15
C GLY A 130 -12.35 25.63 1.28
N THR A 131 -13.64 25.93 1.39
CA THR A 131 -14.32 26.10 2.67
C THR A 131 -15.47 25.13 2.92
N SER A 132 -15.72 24.20 2.01
CA SER A 132 -16.90 23.34 2.11
C SER A 132 -16.63 21.92 1.62
N TRP A 133 -17.47 21.01 2.09
CA TRP A 133 -17.57 19.66 1.54
C TRP A 133 -18.35 19.75 0.25
N GLN A 134 -18.09 18.86 -0.70
CA GLN A 134 -18.86 18.84 -1.94
C GLN A 134 -18.88 17.46 -2.59
N THR A 135 -20.03 17.09 -3.16
CA THR A 135 -20.12 15.89 -3.98
C THR A 135 -19.39 16.18 -5.30
N VAL A 136 -18.80 15.14 -5.89
CA VAL A 136 -18.11 15.28 -7.16
C VAL A 136 -19.11 14.92 -8.26
N PRO A 137 -18.90 15.44 -9.48
CA PRO A 137 -19.81 15.12 -10.60
C PRO A 137 -19.97 13.59 -10.78
N GLY A 138 -21.21 13.14 -10.90
CA GLY A 138 -21.51 11.72 -11.03
C GLY A 138 -21.80 10.99 -9.73
N ALA A 139 -21.62 11.64 -8.58
CA ALA A 139 -21.89 11.01 -7.29
C ALA A 139 -23.39 10.81 -7.12
N PRO A 140 -23.83 9.82 -6.32
CA PRO A 140 -25.28 9.62 -6.19
C PRO A 140 -25.96 10.83 -5.57
N SER A 141 -27.08 11.23 -6.15
CA SER A 141 -27.76 12.45 -5.75
C SER A 141 -28.27 12.43 -4.31
N TRP A 142 -28.54 11.24 -3.76
CA TRP A 142 -28.93 11.16 -2.33
C TRP A 142 -27.85 11.69 -1.34
N LEU A 143 -26.60 11.82 -1.77
CA LEU A 143 -25.57 12.47 -0.96
C LEU A 143 -25.71 13.97 -0.79
N ASP A 144 -26.46 14.64 -1.68
CA ASP A 144 -26.49 16.11 -1.69
C ASP A 144 -27.05 16.70 -0.42
N LEU A 145 -28.13 16.12 0.09
CA LEU A 145 -28.75 16.60 1.33
C LEU A 145 -27.85 16.45 2.57
N PRO A 146 -27.31 15.25 2.81
CA PRO A 146 -26.36 15.13 3.95
C PRO A 146 -25.12 16.04 3.86
N ILE A 147 -24.62 16.29 2.66
CA ILE A 147 -23.47 17.17 2.48
C ILE A 147 -23.81 18.64 2.81
N LYS A 148 -25.00 19.07 2.38
CA LYS A 148 -25.49 20.39 2.71
C LYS A 148 -25.61 20.60 4.23
N VAL A 149 -26.14 19.60 4.91
CA VAL A 149 -26.23 19.62 6.37
C VAL A 149 -24.85 19.66 7.00
N LEU A 150 -23.96 18.79 6.55
CA LEU A 150 -22.57 18.81 6.99
C LEU A 150 -21.93 20.20 6.82
N ASN A 151 -22.16 20.81 5.66
CA ASN A 151 -21.67 22.16 5.36
C ASN A 151 -22.23 23.27 6.26
N ALA A 152 -23.40 23.03 6.86
CA ALA A 152 -23.96 23.94 7.84
C ALA A 152 -23.16 23.93 9.15
N ASP A 153 -22.43 22.85 9.43
CA ASP A 153 -21.63 22.73 10.64
C ASP A 153 -20.33 23.53 10.51
N GLN A 154 -20.42 24.77 10.92
CA GLN A 154 -19.32 25.72 10.84
C GLN A 154 -18.05 25.32 11.58
N GLY A 155 -18.21 24.82 12.81
CA GLY A 155 -17.06 24.37 13.62
C GLY A 155 -16.26 23.27 12.94
N THR A 156 -16.96 22.31 12.34
CA THR A 156 -16.29 21.22 11.62
C THR A 156 -15.56 21.78 10.40
N SER A 157 -16.23 22.64 9.64
CA SER A 157 -15.62 23.26 8.48
C SER A 157 -14.34 24.03 8.87
N ALA A 158 -14.41 24.78 9.97
CA ALA A 158 -13.25 25.54 10.45
C ALA A 158 -12.10 24.62 10.86
N THR A 159 -12.43 23.57 11.59
CA THR A 159 -11.44 22.58 12.02
C THR A 159 -10.77 21.89 10.84
N VAL A 160 -11.56 21.45 9.87
CA VAL A 160 -11.04 20.75 8.70
C VAL A 160 -10.14 21.67 7.88
N GLN A 161 -10.56 22.92 7.69
CA GLN A 161 -9.74 23.92 7.01
C GLN A 161 -8.39 24.13 7.69
N MET A 162 -8.40 24.26 9.02
CA MET A 162 -7.16 24.35 9.80
C MET A 162 -6.28 23.09 9.58
N LEU A 163 -6.88 21.92 9.74
CA LEU A 163 -6.11 20.67 9.64
C LEU A 163 -5.39 20.56 8.30
N LEU A 164 -6.11 20.86 7.23
CA LEU A 164 -5.63 20.75 5.86
C LEU A 164 -4.64 21.83 5.49
N ASN A 165 -5.01 23.08 5.76
CA ASN A 165 -4.20 24.22 5.35
C ASN A 165 -2.98 24.44 6.25
N ASP A 166 -3.13 24.17 7.54
CA ASP A 166 -2.11 24.55 8.54
C ASP A 166 -1.48 23.38 9.25
N THR A 167 -2.29 22.58 9.95
CA THR A 167 -1.76 21.42 10.70
C THR A 167 -0.94 20.46 9.84
N CYS A 168 -1.45 20.11 8.67
CA CYS A 168 -0.83 19.06 7.85
C CYS A 168 0.56 19.46 7.40
N PRO A 169 0.70 20.60 6.70
CA PRO A 169 2.06 20.98 6.27
C PRO A 169 3.06 21.16 7.41
N LEU A 170 2.60 21.68 8.55
CA LEU A 170 3.48 21.92 9.69
C LEU A 170 3.94 20.62 10.33
N PHE A 171 2.99 19.72 10.54
CA PHE A 171 3.29 18.38 11.04
C PHE A 171 4.30 17.66 10.15
N VAL A 172 4.11 17.76 8.84
CA VAL A 172 4.91 17.02 7.88
C VAL A 172 6.35 17.58 7.81
N ARG A 173 6.52 18.89 7.85
CA ARG A 173 7.88 19.46 7.93
C ARG A 173 8.63 18.98 9.19
N GLY A 174 7.94 18.85 10.30
CA GLY A 174 8.48 18.20 11.48
C GLY A 174 8.86 16.73 11.30
N LEU A 175 8.06 15.98 10.55
CA LEU A 175 8.36 14.56 10.28
C LEU A 175 9.59 14.42 9.37
N LEU A 176 9.66 15.26 8.34
CA LEU A 176 10.82 15.28 7.44
C LEU A 176 12.14 15.57 8.18
N GLU A 177 12.09 16.43 9.20
CA GLU A 177 13.28 16.69 10.01
C GLU A 177 13.61 15.53 10.96
N ALA A 178 12.60 15.09 11.72
CA ALA A 178 12.81 14.05 12.72
C ALA A 178 13.11 12.68 12.12
N GLY A 179 12.63 12.44 10.89
CA GLY A 179 12.80 11.15 10.18
C GLY A 179 13.85 11.15 9.07
N LYS A 180 14.66 12.20 9.04
CA LYS A 180 15.65 12.43 7.99
C LYS A 180 16.52 11.20 7.66
N SER A 181 17.06 10.53 8.68
CA SER A 181 17.96 9.37 8.43
C SER A 181 17.24 8.16 7.83
N ASP A 182 16.00 7.91 8.24
CA ASP A 182 15.16 6.87 7.60
C ASP A 182 14.70 7.28 6.22
N LEU A 183 14.23 8.51 6.06
CA LEU A 183 13.75 9.00 4.77
C LEU A 183 14.83 9.00 3.71
N GLU A 184 16.06 9.25 4.13
CA GLU A 184 17.17 9.33 3.19
C GLU A 184 18.07 8.07 3.22
N LYS A 185 17.50 6.97 3.72
CA LYS A 185 18.25 5.72 3.81
C LYS A 185 18.52 5.18 2.39
N GLN A 186 19.66 4.52 2.23
CA GLN A 186 20.07 3.90 1.00
C GLN A 186 20.24 2.41 1.29
N GLU A 187 19.50 1.57 0.55
CA GLU A 187 19.61 0.11 0.71
C GLU A 187 19.95 -0.47 -0.66
N LYS A 188 20.98 -1.31 -0.71
CA LYS A 188 21.51 -1.86 -1.96
C LYS A 188 20.72 -3.07 -2.43
N PRO A 189 20.35 -3.10 -3.73
CA PRO A 189 19.69 -4.27 -4.26
C PRO A 189 20.62 -5.46 -4.37
N VAL A 190 20.04 -6.65 -4.29
CA VAL A 190 20.69 -7.87 -4.75
C VAL A 190 19.93 -8.29 -6.02
N ALA A 191 20.63 -8.85 -6.99
CA ALA A 191 20.01 -9.27 -8.26
C ALA A 191 20.33 -10.71 -8.59
N TRP A 192 19.50 -11.32 -9.43
CA TRP A 192 19.74 -12.68 -9.90
C TRP A 192 18.95 -12.95 -11.14
N LEU A 193 19.42 -13.91 -11.95
CA LEU A 193 18.78 -14.21 -13.23
C LEU A 193 18.05 -15.55 -13.21
N SER A 194 17.04 -15.68 -14.06
CA SER A 194 16.32 -16.93 -14.28
C SER A 194 15.58 -16.88 -15.62
N SER A 195 14.95 -18.00 -16.00
CA SER A 195 14.07 -18.02 -17.18
C SER A 195 13.02 -19.11 -17.04
N GLY A 202 10.12 -23.24 -29.39
CA GLY A 202 9.63 -22.03 -28.76
C GLY A 202 10.71 -21.09 -28.25
N HIS A 203 10.33 -19.84 -28.01
CA HIS A 203 11.23 -18.80 -27.48
C HIS A 203 11.53 -19.03 -26.00
N ARG A 204 12.39 -18.18 -25.44
CA ARG A 204 12.70 -18.17 -24.01
C ARG A 204 12.56 -16.76 -23.41
N GLN A 205 12.01 -16.70 -22.20
CA GLN A 205 11.81 -15.44 -21.49
C GLN A 205 12.88 -15.33 -20.40
N LEU A 206 13.77 -14.34 -20.52
CA LEU A 206 14.84 -14.13 -19.54
C LEU A 206 14.38 -13.15 -18.46
N VAL A 207 14.60 -13.51 -17.20
CA VAL A 207 14.14 -12.70 -16.07
C VAL A 207 15.28 -12.22 -15.20
N CYS A 208 15.39 -10.90 -15.06
CA CYS A 208 16.30 -10.29 -14.12
C CYS A 208 15.56 -9.79 -12.87
N HIS A 209 15.91 -10.33 -11.72
CA HIS A 209 15.22 -10.03 -10.46
C HIS A 209 16.09 -9.08 -9.68
N VAL A 210 15.49 -8.02 -9.13
CA VAL A 210 16.22 -7.00 -8.37
C VAL A 210 15.45 -6.74 -7.09
N SER A 211 16.07 -7.00 -5.94
CA SER A 211 15.36 -6.95 -4.68
C SER A 211 16.20 -6.34 -3.57
N GLY A 212 15.51 -5.61 -2.69
CA GLY A 212 16.13 -5.00 -1.52
C GLY A 212 16.59 -3.56 -1.69
N PHE A 213 16.15 -2.88 -2.75
CA PHE A 213 16.64 -1.52 -3.02
C PHE A 213 15.76 -0.50 -2.32
N TYR A 214 16.37 0.60 -1.90
CA TYR A 214 15.66 1.75 -1.38
C TYR A 214 16.60 2.96 -1.54
N PRO A 215 16.14 4.11 -2.04
CA PRO A 215 14.74 4.43 -2.37
C PRO A 215 14.25 3.84 -3.68
N LYS A 216 13.01 4.14 -4.04
CA LYS A 216 12.34 3.50 -5.17
C LYS A 216 12.99 3.67 -6.56
N PRO A 217 13.49 4.89 -6.89
CA PRO A 217 14.06 5.07 -8.22
C PRO A 217 15.18 4.08 -8.53
N VAL A 218 15.12 3.45 -9.69
CA VAL A 218 16.07 2.42 -10.07
C VAL A 218 16.08 2.27 -11.58
N TRP A 219 17.14 1.69 -12.12
CA TRP A 219 17.22 1.44 -13.57
C TRP A 219 17.71 0.03 -13.82
N VAL A 220 16.90 -0.76 -14.52
CA VAL A 220 17.22 -2.16 -14.78
C VAL A 220 16.99 -2.46 -16.26
N MET A 221 18.04 -2.92 -16.93
CA MET A 221 18.02 -3.13 -18.38
C MET A 221 18.77 -4.38 -18.78
N TRP A 222 18.21 -5.13 -19.73
CA TRP A 222 18.99 -6.14 -20.43
C TRP A 222 19.91 -5.44 -21.44
N MET A 223 21.16 -5.89 -21.47
CA MET A 223 22.20 -5.31 -22.31
C MET A 223 22.83 -6.41 -23.18
N ARG A 224 23.32 -6.04 -24.36
CA ARG A 224 24.30 -6.85 -25.07
C ARG A 224 25.49 -5.92 -25.30
N GLY A 225 26.57 -6.13 -24.55
CA GLY A 225 27.64 -5.16 -24.49
C GLY A 225 27.07 -3.86 -23.93
N ASP A 226 27.26 -2.78 -24.68
CA ASP A 226 26.77 -1.44 -24.33
C ASP A 226 25.41 -1.09 -24.90
N GLN A 227 24.79 -2.00 -25.65
CA GLN A 227 23.51 -1.76 -26.31
C GLN A 227 22.34 -2.18 -25.42
N GLU A 228 21.48 -1.21 -25.06
CA GLU A 228 20.25 -1.49 -24.35
C GLU A 228 19.34 -2.30 -25.25
N GLN A 229 18.77 -3.39 -24.71
CA GLN A 229 17.82 -4.21 -25.45
C GLN A 229 16.42 -3.68 -25.20
N GLN A 230 15.86 -3.03 -26.22
CA GLN A 230 14.61 -2.28 -26.09
C GLN A 230 13.36 -3.13 -25.81
N GLY A 231 13.43 -4.42 -26.10
CA GLY A 231 12.37 -5.36 -25.72
C GLY A 231 12.20 -5.60 -24.22
N THR A 232 13.16 -5.13 -23.42
CA THR A 232 13.09 -5.20 -21.95
C THR A 232 11.75 -4.68 -21.43
N HIS A 233 11.00 -5.55 -20.75
CA HIS A 233 9.72 -5.18 -20.11
C HIS A 233 9.91 -5.10 -18.60
N ARG A 234 9.88 -3.89 -18.05
CA ARG A 234 9.93 -3.67 -16.62
C ARG A 234 8.58 -4.10 -16.00
N GLY A 235 8.63 -4.88 -14.93
CA GLY A 235 7.42 -5.29 -14.18
C GLY A 235 6.93 -4.21 -13.22
N ASP A 236 5.94 -4.53 -12.41
CA ASP A 236 5.50 -3.63 -11.34
C ASP A 236 6.50 -3.64 -10.21
N PHE A 237 6.62 -2.49 -9.54
CA PHE A 237 7.35 -2.39 -8.26
C PHE A 237 6.52 -3.09 -7.17
N LEU A 238 7.14 -4.08 -6.53
CA LEU A 238 6.50 -4.88 -5.48
C LEU A 238 7.24 -4.66 -4.16
N PRO A 239 6.50 -4.52 -3.05
CA PRO A 239 7.16 -4.22 -1.81
C PRO A 239 7.68 -5.47 -1.13
N ASN A 240 8.84 -5.33 -0.50
CA ASN A 240 9.30 -6.32 0.47
C ASN A 240 8.77 -5.89 1.82
N ALA A 241 8.80 -6.80 2.78
CA ALA A 241 8.27 -6.54 4.11
C ALA A 241 9.22 -5.66 4.96
N ASP A 242 10.47 -5.50 4.53
CA ASP A 242 11.49 -4.67 5.22
C ASP A 242 11.70 -3.26 4.62
N GLU A 243 10.63 -2.66 4.10
CA GLU A 243 10.69 -1.29 3.53
C GLU A 243 11.78 -1.12 2.45
N THR A 244 11.87 -2.14 1.59
CA THR A 244 12.69 -2.12 0.38
C THR A 244 11.81 -2.60 -0.77
N TRP A 245 12.32 -2.44 -1.99
CA TRP A 245 11.55 -2.71 -3.19
C TRP A 245 12.05 -3.90 -3.98
N TYR A 246 11.13 -4.51 -4.72
CA TYR A 246 11.42 -5.64 -5.60
C TYR A 246 10.96 -5.26 -6.99
N LEU A 247 11.76 -5.59 -7.99
CA LEU A 247 11.38 -5.36 -9.38
C LEU A 247 12.03 -6.41 -10.24
N GLN A 248 11.34 -6.81 -11.30
CA GLN A 248 11.98 -7.61 -12.33
C GLN A 248 11.84 -7.01 -13.70
N ALA A 249 12.84 -7.29 -14.54
CA ALA A 249 12.82 -6.88 -15.94
C ALA A 249 12.99 -8.12 -16.79
N THR A 250 12.07 -8.33 -17.72
CA THR A 250 12.08 -9.53 -18.57
C THR A 250 12.43 -9.17 -20.00
N LEU A 251 13.05 -10.12 -20.69
CA LEU A 251 13.39 -10.01 -22.11
C LEU A 251 13.04 -11.33 -22.83
N ASP A 252 12.27 -11.22 -23.91
CA ASP A 252 11.95 -12.37 -24.76
C ASP A 252 13.03 -12.54 -25.82
N VAL A 253 13.65 -13.72 -25.85
CA VAL A 253 14.71 -14.05 -26.81
C VAL A 253 14.46 -15.42 -27.46
N GLU A 254 15.15 -15.68 -28.58
CA GLU A 254 15.22 -17.04 -29.12
C GLU A 254 16.41 -17.75 -28.50
N ALA A 255 16.44 -19.07 -28.67
CA ALA A 255 17.57 -19.88 -28.21
C ALA A 255 18.84 -19.50 -28.95
N GLY A 256 19.99 -19.70 -28.30
CA GLY A 256 21.29 -19.32 -28.85
C GLY A 256 21.65 -17.89 -28.49
N GLU A 257 20.76 -16.95 -28.81
CA GLU A 257 20.88 -15.52 -28.43
C GLU A 257 21.29 -15.22 -26.99
N GLU A 258 20.96 -16.12 -26.06
CA GLU A 258 21.21 -15.88 -24.63
C GLU A 258 22.68 -15.62 -24.30
N ALA A 259 23.59 -16.17 -25.11
CA ALA A 259 25.02 -15.89 -24.96
C ALA A 259 25.28 -14.40 -25.26
N GLY A 260 26.09 -13.76 -24.41
CA GLY A 260 26.39 -12.34 -24.56
C GLY A 260 25.49 -11.37 -23.79
N LEU A 261 24.26 -11.77 -23.45
CA LEU A 261 23.34 -10.90 -22.72
C LEU A 261 23.71 -10.73 -21.26
N ALA A 262 23.36 -9.56 -20.72
CA ALA A 262 23.57 -9.27 -19.31
C ALA A 262 22.46 -8.38 -18.78
N CYS A 263 22.22 -8.47 -17.48
CA CYS A 263 21.33 -7.56 -16.79
C CYS A 263 22.18 -6.55 -16.04
N ARG A 264 21.90 -5.27 -16.27
CA ARG A 264 22.61 -4.17 -15.63
C ARG A 264 21.65 -3.42 -14.73
N VAL A 265 22.05 -3.20 -13.48
CA VAL A 265 21.27 -2.43 -12.52
C VAL A 265 22.05 -1.19 -12.06
N LYS A 266 21.36 -0.04 -12.09
CA LYS A 266 21.87 1.19 -11.51
C LYS A 266 20.96 1.57 -10.38
N HIS A 267 21.56 1.98 -9.27
CA HIS A 267 20.80 2.49 -8.16
C HIS A 267 21.65 3.44 -7.29
N SER A 268 20.99 4.42 -6.68
CA SER A 268 21.65 5.46 -5.87
C SER A 268 22.57 4.92 -4.77
N SER A 269 22.19 3.80 -4.18
CA SER A 269 22.93 3.17 -3.08
C SER A 269 24.26 2.53 -3.49
N LEU A 270 24.49 2.32 -4.79
CA LEU A 270 25.64 1.54 -5.26
C LEU A 270 26.93 2.34 -5.43
N GLY A 271 26.89 3.63 -5.11
CA GLY A 271 28.05 4.51 -5.23
C GLY A 271 28.61 4.60 -6.63
N GLY A 272 27.75 4.46 -7.65
CA GLY A 272 28.18 4.46 -9.05
C GLY A 272 28.79 3.16 -9.58
N GLN A 273 28.76 2.10 -8.78
CA GLN A 273 29.28 0.79 -9.17
C GLN A 273 28.12 -0.16 -9.49
N ASP A 274 27.72 -0.19 -10.76
CA ASP A 274 26.54 -0.93 -11.17
C ASP A 274 26.69 -2.42 -10.95
N ILE A 275 25.56 -3.10 -10.80
CA ILE A 275 25.53 -4.55 -10.82
C ILE A 275 25.44 -4.95 -12.28
N ILE A 276 26.28 -5.87 -12.72
CA ILE A 276 26.19 -6.46 -14.05
C ILE A 276 26.19 -7.97 -13.87
N LEU A 277 25.16 -8.63 -14.37
CA LEU A 277 25.07 -10.09 -14.30
C LEU A 277 25.01 -10.65 -15.70
N TYR A 278 26.01 -11.46 -16.06
CA TYR A 278 26.08 -12.08 -17.39
C TYR A 278 25.36 -13.42 -17.37
N TRP A 279 24.46 -13.64 -18.32
CA TRP A 279 23.78 -14.93 -18.44
C TRP A 279 24.81 -16.05 -18.68
N GLN B 2 -17.27 -4.42 -6.92
CA GLN B 2 -16.57 -5.66 -6.43
C GLN B 2 -15.41 -6.07 -7.35
N LYS B 3 -14.22 -6.29 -6.79
CA LYS B 3 -13.00 -6.50 -7.59
C LYS B 3 -12.16 -7.67 -7.11
N THR B 4 -11.57 -8.37 -8.07
CA THR B 4 -10.89 -9.65 -7.86
C THR B 4 -9.44 -9.42 -7.46
N PRO B 5 -8.96 -10.13 -6.43
CA PRO B 5 -7.57 -9.97 -6.03
C PRO B 5 -6.55 -10.57 -7.01
N GLN B 6 -5.56 -9.74 -7.36
CA GLN B 6 -4.35 -10.18 -8.05
C GLN B 6 -3.34 -10.64 -7.01
N ILE B 7 -2.61 -11.70 -7.34
CA ILE B 7 -1.69 -12.33 -6.39
C ILE B 7 -0.30 -12.51 -7.00
N GLN B 8 0.72 -12.05 -6.29
CA GLN B 8 2.10 -12.17 -6.75
C GLN B 8 2.95 -12.73 -5.64
N VAL B 9 3.78 -13.72 -6.00
CA VAL B 9 4.57 -14.47 -5.04
C VAL B 9 6.03 -14.41 -5.47
N TYR B 10 6.88 -13.93 -4.56
CA TYR B 10 8.29 -13.65 -4.86
C TYR B 10 9.12 -13.75 -3.59
N SER B 11 10.42 -13.92 -3.75
CA SER B 11 11.31 -14.15 -2.64
C SER B 11 12.11 -12.86 -2.35
N ARG B 12 12.43 -12.63 -1.08
CA ARG B 12 13.18 -11.46 -0.67
C ARG B 12 14.63 -11.50 -1.18
N HIS B 13 15.25 -12.67 -1.09
CA HIS B 13 16.65 -12.87 -1.51
C HIS B 13 16.68 -13.90 -2.65
N PRO B 14 17.80 -13.99 -3.41
CA PRO B 14 17.91 -15.02 -4.45
C PRO B 14 17.60 -16.42 -3.88
N PRO B 15 16.66 -17.17 -4.47
CA PRO B 15 16.33 -18.46 -3.85
C PRO B 15 17.41 -19.49 -4.10
N GLU B 16 18.16 -19.81 -3.06
CA GLU B 16 19.17 -20.87 -3.12
C GLU B 16 18.70 -21.99 -2.22
N ASN B 17 18.72 -23.22 -2.74
CA ASN B 17 18.23 -24.40 -2.00
C ASN B 17 19.01 -24.57 -0.70
N GLY B 18 18.30 -24.78 0.40
CA GLY B 18 18.90 -24.93 1.72
C GLY B 18 19.26 -23.66 2.47
N LYS B 19 19.08 -22.48 1.87
CA LYS B 19 19.41 -21.21 2.52
C LYS B 19 18.11 -20.54 2.98
N PRO B 20 17.97 -20.24 4.30
CA PRO B 20 16.82 -19.48 4.77
C PRO B 20 16.59 -18.19 4.01
N ASN B 21 15.32 -17.90 3.77
CA ASN B 21 14.91 -16.78 2.93
C ASN B 21 13.53 -16.32 3.44
N ILE B 22 12.93 -15.36 2.75
CA ILE B 22 11.60 -14.89 3.06
C ILE B 22 10.75 -14.95 1.78
N LEU B 23 9.57 -15.57 1.88
CA LEU B 23 8.64 -15.59 0.77
C LEU B 23 7.54 -14.55 0.97
N ASN B 24 7.29 -13.77 -0.09
CA ASN B 24 6.29 -12.71 -0.09
C ASN B 24 5.08 -13.11 -0.91
N CYS B 25 3.90 -12.78 -0.40
CA CYS B 25 2.69 -12.83 -1.19
C CYS B 25 2.00 -11.46 -1.16
N TYR B 26 2.01 -10.78 -2.31
CA TYR B 26 1.42 -9.46 -2.46
C TYR B 26 0.08 -9.56 -3.15
N VAL B 27 -0.97 -9.13 -2.45
CA VAL B 27 -2.33 -9.26 -2.92
C VAL B 27 -2.88 -7.86 -3.12
N THR B 28 -3.43 -7.62 -4.31
CA THR B 28 -3.77 -6.29 -4.75
C THR B 28 -5.09 -6.27 -5.52
N GLN B 29 -5.56 -5.06 -5.79
CA GLN B 29 -6.70 -4.81 -6.70
C GLN B 29 -8.03 -5.43 -6.25
N PHE B 30 -8.25 -5.56 -4.95
CA PHE B 30 -9.48 -6.17 -4.45
C PHE B 30 -10.42 -5.18 -3.74
N HIS B 31 -11.70 -5.53 -3.80
CA HIS B 31 -12.78 -4.83 -3.11
C HIS B 31 -13.96 -5.82 -3.03
N PRO B 32 -14.61 -5.99 -1.86
CA PRO B 32 -14.36 -5.25 -0.60
C PRO B 32 -13.08 -5.69 0.14
N PRO B 33 -12.74 -4.99 1.24
CA PRO B 33 -11.48 -5.30 1.94
C PRO B 33 -11.40 -6.65 2.69
N HIS B 34 -12.53 -7.18 3.14
CA HIS B 34 -12.53 -8.47 3.83
C HIS B 34 -11.95 -9.58 2.91
N ILE B 35 -10.87 -10.21 3.37
CA ILE B 35 -10.12 -11.16 2.55
C ILE B 35 -9.39 -12.12 3.49
N GLU B 36 -9.23 -13.37 3.04
CA GLU B 36 -8.51 -14.37 3.81
C GLU B 36 -7.34 -14.87 2.95
N ILE B 37 -6.15 -14.85 3.54
CA ILE B 37 -4.90 -15.10 2.83
C ILE B 37 -4.09 -16.09 3.63
N GLN B 38 -3.76 -17.22 3.00
CA GLN B 38 -2.90 -18.25 3.60
C GLN B 38 -1.68 -18.44 2.72
N MET B 39 -0.55 -18.79 3.33
CA MET B 39 0.60 -19.26 2.58
C MET B 39 0.76 -20.76 2.89
N LEU B 40 1.10 -21.54 1.85
CA LEU B 40 1.13 -23.00 1.89
C LEU B 40 2.52 -23.55 1.57
N LYS B 41 2.92 -24.57 2.33
CA LYS B 41 4.10 -25.37 2.03
C LYS B 41 3.61 -26.79 1.74
N ASN B 42 3.87 -27.30 0.54
CA ASN B 42 3.37 -28.62 0.11
C ASN B 42 1.86 -28.75 0.40
N GLY B 43 1.09 -27.73 0.05
CA GLY B 43 -0.36 -27.74 0.20
C GLY B 43 -0.95 -27.52 1.59
N LYS B 44 -0.10 -27.43 2.61
CA LYS B 44 -0.51 -27.27 4.00
C LYS B 44 -0.19 -25.85 4.49
N LYS B 45 -1.10 -25.29 5.27
CA LYS B 45 -1.02 -23.93 5.80
C LYS B 45 0.21 -23.75 6.69
N ILE B 46 0.99 -22.70 6.40
CA ILE B 46 2.14 -22.31 7.20
C ILE B 46 1.61 -21.46 8.37
N PRO B 47 2.03 -21.77 9.62
CA PRO B 47 1.43 -21.15 10.80
C PRO B 47 1.78 -19.70 11.07
N LYS B 48 3.05 -19.32 10.94
CA LYS B 48 3.51 -18.03 11.51
C LYS B 48 3.51 -16.85 10.51
N VAL B 49 2.57 -16.83 9.58
CA VAL B 49 2.63 -15.87 8.47
C VAL B 49 2.31 -14.47 8.98
N GLU B 50 3.23 -13.53 8.78
CA GLU B 50 3.08 -12.13 9.19
C GLU B 50 2.37 -11.35 8.09
N MET B 51 1.60 -10.35 8.49
CA MET B 51 0.75 -9.61 7.57
C MET B 51 1.00 -8.11 7.78
N SER B 52 1.10 -7.36 6.69
CA SER B 52 1.14 -5.90 6.78
C SER B 52 -0.27 -5.41 7.14
N ASP B 53 -0.37 -4.15 7.56
CA ASP B 53 -1.67 -3.51 7.70
C ASP B 53 -2.31 -3.44 6.31
N MET B 54 -3.62 -3.59 6.22
CA MET B 54 -4.28 -3.35 4.95
C MET B 54 -4.23 -1.86 4.59
N SER B 55 -4.06 -1.58 3.32
CA SER B 55 -4.03 -0.21 2.85
C SER B 55 -4.73 -0.17 1.49
N PHE B 56 -4.74 1.01 0.87
CA PHE B 56 -5.29 1.12 -0.47
C PHE B 56 -4.56 2.13 -1.33
N SER B 57 -4.78 1.99 -2.63
CA SER B 57 -4.08 2.72 -3.67
C SER B 57 -4.89 3.92 -4.08
N LYS B 58 -4.29 4.75 -4.93
CA LYS B 58 -4.95 5.92 -5.54
C LYS B 58 -6.31 5.57 -6.13
N ASP B 59 -6.41 4.44 -6.82
CA ASP B 59 -7.68 4.01 -7.40
C ASP B 59 -8.66 3.38 -6.37
N TRP B 60 -8.32 3.44 -5.07
CA TRP B 60 -9.16 2.97 -3.96
C TRP B 60 -9.20 1.46 -3.75
N SER B 61 -8.63 0.67 -4.67
CA SER B 61 -8.52 -0.77 -4.48
C SER B 61 -7.51 -1.07 -3.35
N PHE B 62 -7.79 -2.14 -2.61
CA PHE B 62 -7.01 -2.51 -1.44
C PHE B 62 -5.80 -3.33 -1.79
N TYR B 63 -4.80 -3.27 -0.90
CA TYR B 63 -3.67 -4.17 -1.00
C TYR B 63 -3.13 -4.55 0.36
N ILE B 64 -2.44 -5.67 0.38
CA ILE B 64 -1.86 -6.21 1.59
C ILE B 64 -0.72 -7.13 1.23
N LEU B 65 0.26 -7.20 2.13
CA LEU B 65 1.45 -8.01 1.94
C LEU B 65 1.58 -9.05 3.07
N ALA B 66 1.68 -10.32 2.67
CA ALA B 66 1.93 -11.41 3.58
C ALA B 66 3.35 -11.89 3.33
N HIS B 67 4.01 -12.35 4.39
CA HIS B 67 5.31 -12.95 4.27
C HIS B 67 5.60 -13.97 5.36
N THR B 68 6.50 -14.89 5.06
CA THR B 68 6.91 -15.91 6.00
C THR B 68 8.34 -16.35 5.70
N GLU B 69 9.01 -16.84 6.72
CA GLU B 69 10.32 -17.44 6.53
C GLU B 69 10.12 -18.69 5.69
N PHE B 70 11.10 -19.00 4.82
CA PHE B 70 11.10 -20.28 4.10
C PHE B 70 12.51 -20.62 3.65
N THR B 71 12.76 -21.92 3.47
CA THR B 71 14.04 -22.41 2.98
C THR B 71 13.66 -23.21 1.75
N PRO B 72 13.95 -22.68 0.55
CA PRO B 72 13.61 -23.45 -0.63
C PRO B 72 14.49 -24.70 -0.76
N THR B 73 13.91 -25.78 -1.27
CA THR B 73 14.62 -27.01 -1.63
C THR B 73 13.94 -27.48 -2.90
N GLU B 74 14.49 -28.50 -3.55
CA GLU B 74 13.82 -29.05 -4.74
C GLU B 74 12.87 -30.20 -4.42
N THR B 75 12.43 -30.31 -3.17
CA THR B 75 11.36 -31.22 -2.79
C THR B 75 10.15 -30.50 -2.17
N ASP B 76 10.12 -29.16 -2.19
CA ASP B 76 9.04 -28.39 -1.52
C ASP B 76 8.41 -27.41 -2.47
N THR B 77 7.07 -27.39 -2.50
CA THR B 77 6.32 -26.34 -3.19
C THR B 77 5.85 -25.30 -2.17
N TYR B 78 5.62 -24.09 -2.66
CA TYR B 78 5.08 -23.00 -1.86
C TYR B 78 4.03 -22.25 -2.67
N ALA B 79 2.98 -21.82 -1.99
CA ALA B 79 1.86 -21.20 -2.62
C ALA B 79 1.23 -20.14 -1.72
N CYS B 80 0.44 -19.28 -2.34
CA CYS B 80 -0.41 -18.31 -1.65
C CYS B 80 -1.86 -18.56 -2.04
N ARG B 81 -2.74 -18.73 -1.06
CA ARG B 81 -4.14 -19.03 -1.30
C ARG B 81 -5.02 -17.92 -0.76
N VAL B 82 -5.96 -17.47 -1.58
CA VAL B 82 -6.78 -16.30 -1.27
C VAL B 82 -8.27 -16.62 -1.42
N LYS B 83 -9.03 -16.39 -0.35
CA LYS B 83 -10.49 -16.46 -0.39
C LYS B 83 -11.07 -15.03 -0.31
N HIS B 84 -12.00 -14.73 -1.20
CA HIS B 84 -12.58 -13.41 -1.32
C HIS B 84 -13.97 -13.50 -1.98
N ALA B 85 -14.86 -12.62 -1.55
CA ALA B 85 -16.25 -12.61 -2.02
C ALA B 85 -16.39 -12.61 -3.53
N SER B 86 -15.47 -11.91 -4.20
CA SER B 86 -15.45 -11.80 -5.67
C SER B 86 -15.20 -13.11 -6.44
N MET B 87 -14.82 -14.18 -5.76
CA MET B 87 -14.52 -15.44 -6.42
C MET B 87 -15.29 -16.58 -5.76
N ALA B 88 -15.84 -17.47 -6.58
CA ALA B 88 -16.63 -18.61 -6.08
C ALA B 88 -15.83 -19.56 -5.17
N GLU B 89 -14.53 -19.72 -5.45
CA GLU B 89 -13.65 -20.59 -4.65
C GLU B 89 -12.29 -19.93 -4.42
N PRO B 90 -11.47 -20.48 -3.50
CA PRO B 90 -10.15 -19.92 -3.25
C PRO B 90 -9.29 -19.88 -4.50
N LYS B 91 -8.48 -18.83 -4.66
CA LYS B 91 -7.52 -18.79 -5.75
C LYS B 91 -6.16 -19.04 -5.14
N THR B 92 -5.45 -19.97 -5.76
CA THR B 92 -4.12 -20.35 -5.30
C THR B 92 -3.12 -20.03 -6.40
N VAL B 93 -2.05 -19.34 -6.02
CA VAL B 93 -0.92 -19.09 -6.90
C VAL B 93 0.29 -19.74 -6.27
N TYR B 94 0.96 -20.58 -7.07
CA TYR B 94 2.14 -21.31 -6.65
C TYR B 94 3.34 -20.45 -6.91
N TRP B 95 4.32 -20.53 -6.02
CA TRP B 95 5.59 -19.87 -6.23
C TRP B 95 6.26 -20.53 -7.44
N ASP B 96 6.60 -19.66 -8.39
CA ASP B 96 7.31 -19.92 -9.67
C ASP B 96 8.66 -20.64 -9.55
N ARG B 97 9.24 -20.63 -8.34
CA ARG B 97 10.57 -21.18 -8.01
C ARG B 97 11.75 -20.28 -8.44
N ASP B 98 11.46 -19.30 -9.31
CA ASP B 98 12.42 -18.30 -9.78
C ASP B 98 12.25 -16.95 -9.09
N MET B 99 10.98 -16.54 -8.93
CA MET B 99 10.58 -15.23 -8.38
C MET B 99 11.05 -14.98 -6.96
#